data_1YLD
#
_entry.id   1YLD
#
_cell.length_a   92.591
_cell.length_b   92.591
_cell.length_c   62.258
_cell.angle_alpha   90.00
_cell.angle_beta   90.00
_cell.angle_gamma   120.00
#
_symmetry.space_group_name_H-M   'P 32 2 1'
#
loop_
_entity.id
_entity.type
_entity.pdbx_description
1 polymer 'Trypsin II'
2 polymer 'Pancreatic trypsin inhibitor'
3 non-polymer 'CALCIUM ION'
4 non-polymer 'SULFATE ION'
5 water water
#
loop_
_entity_poly.entity_id
_entity_poly.type
_entity_poly.pdbx_seq_one_letter_code
_entity_poly.pdbx_strand_id
1 'polypeptide(L)'
;IVGGYTCQENSVPYQVSLNSGYHFCGGSLINDQWVVSAAHCYKSRIQVRLGEHNINVLEGNEQFVNAAKIIKHPNFDRKT
LNNDIMLIKLSSPVKLNARVATVALPSSCAPAGTQCLISGWGNTLSSGVNEPDLLQCLDAPLLPQADCEASYPGKITDNM
VCVGFLEGGKDSCQGDAGGPVVCNGELQGIVSWGYGCALPDNPGVYTKVCNYVDWIQDTIAAN
;
A
2 'polypeptide(L)' RPDF(ABA)LEPPYTGPCKARIIRYFYNAPDGL(ABA)QTFVYGGCRAKRNNFKSAED(ABA)MRT(ABA)G B
#
# COMPACT_ATOMS: atom_id res chain seq x y z
N ILE A 1 2.89 -6.85 -6.29
CA ILE A 1 3.96 -6.44 -7.24
C ILE A 1 3.89 -7.29 -8.49
N VAL A 2 3.68 -6.62 -9.62
CA VAL A 2 3.58 -7.28 -10.93
C VAL A 2 4.92 -7.15 -11.65
N GLY A 3 5.41 -8.27 -12.18
CA GLY A 3 6.66 -8.25 -12.92
C GLY A 3 7.92 -8.09 -12.09
N GLY A 4 7.82 -8.37 -10.79
CA GLY A 4 8.98 -8.25 -9.93
C GLY A 4 9.67 -9.59 -9.73
N TYR A 5 10.42 -9.69 -8.64
CA TYR A 5 11.12 -10.92 -8.31
C TYR A 5 11.03 -11.14 -6.82
N THR A 6 11.17 -12.39 -6.40
CA THR A 6 11.10 -12.70 -4.98
C THR A 6 12.30 -12.08 -4.29
N CYS A 7 12.06 -11.29 -3.26
CA CYS A 7 13.16 -10.65 -2.54
C CYS A 7 13.98 -11.68 -1.80
N GLN A 8 15.27 -11.40 -1.65
CA GLN A 8 16.14 -12.29 -0.91
C GLN A 8 15.59 -12.26 0.51
N GLU A 9 15.45 -13.44 1.12
CA GLU A 9 14.91 -13.53 2.47
C GLU A 9 15.49 -12.49 3.43
N ASN A 10 14.60 -11.69 4.00
CA ASN A 10 14.98 -10.66 4.96
C ASN A 10 15.92 -9.58 4.43
N SER A 11 15.84 -9.29 3.13
CA SER A 11 16.69 -8.25 2.54
C SER A 11 16.00 -6.89 2.61
N VAL A 12 14.75 -6.90 3.08
CA VAL A 12 13.94 -5.69 3.24
C VAL A 12 13.41 -5.75 4.67
N PRO A 13 14.30 -5.61 5.67
CA PRO A 13 13.97 -5.66 7.10
C PRO A 13 13.01 -4.62 7.66
N TYR A 14 12.79 -3.54 6.90
CA TYR A 14 11.90 -2.48 7.34
C TYR A 14 10.46 -2.69 6.85
N GLN A 15 10.26 -3.68 5.99
CA GLN A 15 8.92 -3.97 5.47
C GLN A 15 8.05 -4.62 6.53
N VAL A 16 6.80 -4.19 6.63
CA VAL A 16 5.89 -4.81 7.59
C VAL A 16 4.59 -5.14 6.86
N SER A 17 3.82 -6.03 7.46
CA SER A 17 2.53 -6.42 6.92
C SER A 17 1.48 -5.96 7.93
N LEU A 18 0.43 -5.31 7.45
CA LEU A 18 -0.68 -4.88 8.31
C LEU A 18 -1.72 -5.99 8.17
N ASN A 19 -2.19 -6.48 9.30
CA ASN A 19 -3.12 -7.60 9.33
C ASN A 19 -4.27 -7.38 10.30
N SER A 20 -5.49 -7.68 9.86
CA SER A 20 -6.66 -7.53 10.72
C SER A 20 -7.49 -8.80 10.59
N GLY A 21 -6.80 -9.90 10.29
CA GLY A 21 -7.44 -11.19 10.10
C GLY A 21 -6.73 -11.81 8.91
N TYR A 22 -6.25 -10.94 8.03
CA TYR A 22 -5.51 -11.31 6.82
C TYR A 22 -4.68 -10.10 6.41
N HIS A 23 -3.69 -10.32 5.56
CA HIS A 23 -2.83 -9.23 5.08
C HIS A 23 -3.63 -8.31 4.16
N PHE A 24 -3.64 -7.02 4.45
CA PHE A 24 -4.38 -6.08 3.61
C PHE A 24 -3.59 -4.87 3.13
N CYS A 25 -2.42 -4.63 3.74
CA CYS A 25 -1.58 -3.48 3.38
C CYS A 25 -0.17 -3.67 3.90
N GLY A 26 0.75 -2.88 3.36
CA GLY A 26 2.13 -2.93 3.82
C GLY A 26 2.42 -1.69 4.63
N GLY A 27 3.67 -1.56 5.05
CA GLY A 27 4.08 -0.40 5.84
C GLY A 27 5.58 -0.44 6.01
N SER A 28 6.15 0.59 6.62
CA SER A 28 7.59 0.67 6.85
C SER A 28 7.90 1.05 8.29
N LEU A 29 8.88 0.37 8.89
CA LEU A 29 9.28 0.66 10.26
C LEU A 29 10.29 1.81 10.21
N ILE A 30 9.98 2.93 10.89
CA ILE A 30 10.90 4.07 10.87
C ILE A 30 11.65 4.28 12.18
N ASN A 31 11.17 3.63 13.24
CA ASN A 31 11.83 3.67 14.55
C ASN A 31 11.29 2.48 15.32
N ASP A 32 11.85 2.17 16.48
CA ASP A 32 11.40 1.00 17.22
C ASP A 32 9.94 0.96 17.68
N GLN A 33 9.19 2.05 17.50
CA GLN A 33 7.79 2.04 17.93
C GLN A 33 6.80 2.64 16.94
N TRP A 34 7.29 3.05 15.78
CA TRP A 34 6.42 3.67 14.79
C TRP A 34 6.54 3.09 13.38
N VAL A 35 5.39 2.98 12.73
CA VAL A 35 5.31 2.48 11.36
C VAL A 35 4.59 3.51 10.50
N VAL A 36 5.03 3.67 9.26
CA VAL A 36 4.38 4.61 8.36
C VAL A 36 3.70 3.79 7.26
N SER A 37 2.49 4.18 6.90
CA SER A 37 1.73 3.48 5.87
C SER A 37 0.83 4.48 5.15
N ALA A 38 -0.13 3.97 4.38
CA ALA A 38 -1.04 4.84 3.64
C ALA A 38 -2.30 5.06 4.46
N ALA A 39 -2.85 6.26 4.39
CA ALA A 39 -4.07 6.57 5.13
C ALA A 39 -5.27 5.74 4.65
N HIS A 40 -5.29 5.35 3.38
CA HIS A 40 -6.44 4.56 2.94
C HIS A 40 -6.39 3.14 3.47
N CYS A 41 -5.32 2.82 4.19
CA CYS A 41 -5.17 1.50 4.81
C CYS A 41 -5.73 1.53 6.23
N TYR A 42 -6.35 2.64 6.60
CA TYR A 42 -6.91 2.77 7.94
C TYR A 42 -7.90 1.68 8.32
N LYS A 43 -7.74 1.16 9.53
CA LYS A 43 -8.61 0.12 10.10
C LYS A 43 -8.64 0.49 11.59
N SER A 44 -9.77 0.26 12.27
CA SER A 44 -9.84 0.59 13.69
C SER A 44 -8.93 -0.29 14.54
N ARG A 45 -8.73 -1.53 14.10
CA ARG A 45 -7.86 -2.47 14.81
C ARG A 45 -6.87 -3.04 13.80
N ILE A 46 -5.59 -2.93 14.12
CA ILE A 46 -4.54 -3.42 13.22
C ILE A 46 -3.43 -4.14 13.97
N GLN A 47 -2.99 -5.26 13.43
CA GLN A 47 -1.87 -5.99 14.01
C GLN A 47 -0.73 -5.82 13.02
N VAL A 48 0.44 -5.43 13.51
CA VAL A 48 1.59 -5.24 12.64
C VAL A 48 2.48 -6.47 12.73
N ARG A 49 2.86 -7.01 11.58
CA ARG A 49 3.73 -8.19 11.55
C ARG A 49 5.07 -7.81 10.94
N LEU A 50 6.13 -7.98 11.73
CA LEU A 50 7.49 -7.65 11.30
C LEU A 50 8.35 -8.90 11.17
N GLY A 51 9.44 -8.78 10.43
CA GLY A 51 10.34 -9.91 10.24
C GLY A 51 9.75 -10.99 9.36
N GLU A 52 8.78 -10.62 8.55
CA GLU A 52 8.10 -11.55 7.65
C GLU A 52 8.78 -11.76 6.31
N HIS A 53 8.62 -12.96 5.77
CA HIS A 53 9.11 -13.30 4.44
C HIS A 53 7.98 -14.06 3.77
N ASN A 54 7.62 -15.21 4.34
CA ASN A 54 6.49 -15.99 3.83
C ASN A 54 5.33 -15.61 4.75
N ILE A 55 4.38 -14.85 4.24
CA ILE A 55 3.28 -14.39 5.06
C ILE A 55 2.28 -15.45 5.53
N ASN A 56 2.37 -16.67 4.98
CA ASN A 56 1.44 -17.72 5.36
C ASN A 56 2.02 -18.88 6.17
N VAL A 57 3.29 -18.78 6.56
CA VAL A 57 3.93 -19.83 7.34
C VAL A 57 4.71 -19.23 8.50
N LEU A 58 4.55 -19.79 9.70
CA LEU A 58 5.28 -19.28 10.86
C LEU A 58 6.73 -19.73 10.71
N GLU A 59 7.62 -18.75 10.51
CA GLU A 59 9.04 -19.02 10.30
C GLU A 59 9.89 -18.96 11.55
N GLY A 60 9.46 -18.19 12.54
CA GLY A 60 10.22 -18.09 13.78
C GLY A 60 10.94 -16.77 14.00
N ASN A 61 11.04 -15.95 12.96
CA ASN A 61 11.71 -14.66 13.07
C ASN A 61 10.72 -13.51 13.20
N GLU A 62 9.43 -13.82 13.14
CA GLU A 62 8.41 -12.79 13.20
C GLU A 62 8.09 -12.23 14.58
N GLN A 63 7.62 -10.98 14.57
CA GLN A 63 7.19 -10.30 15.77
C GLN A 63 5.80 -9.80 15.43
N PHE A 64 4.85 -10.08 16.32
CA PHE A 64 3.46 -9.65 16.13
C PHE A 64 3.19 -8.58 17.18
N VAL A 65 2.81 -7.39 16.75
CA VAL A 65 2.54 -6.31 17.69
C VAL A 65 1.30 -5.54 17.26
N ASN A 66 0.40 -5.29 18.22
CA ASN A 66 -0.81 -4.54 17.93
C ASN A 66 -0.57 -3.05 17.86
N ALA A 67 -1.39 -2.35 17.08
CA ALA A 67 -1.27 -0.90 16.95
C ALA A 67 -1.92 -0.26 18.17
N ALA A 68 -1.23 0.69 18.79
CA ALA A 68 -1.76 1.37 19.96
C ALA A 68 -2.46 2.66 19.54
N LYS A 69 -1.87 3.35 18.58
CA LYS A 69 -2.44 4.59 18.06
C LYS A 69 -2.31 4.60 16.54
N ILE A 70 -3.35 5.08 15.87
CA ILE A 70 -3.36 5.17 14.42
C ILE A 70 -3.68 6.62 14.08
N ILE A 71 -2.72 7.30 13.45
CA ILE A 71 -2.89 8.71 13.11
C ILE A 71 -2.78 9.00 11.62
N LYS A 72 -3.90 9.37 11.00
CA LYS A 72 -3.90 9.70 9.58
C LYS A 72 -3.55 11.18 9.43
N HIS A 73 -3.01 11.55 8.27
CA HIS A 73 -2.68 12.95 8.04
C HIS A 73 -4.01 13.70 8.12
N PRO A 74 -4.03 14.84 8.82
CA PRO A 74 -5.26 15.63 8.96
C PRO A 74 -5.87 16.13 7.66
N ASN A 75 -5.06 16.24 6.61
CA ASN A 75 -5.54 16.72 5.32
C ASN A 75 -5.80 15.61 4.29
N PHE A 76 -5.85 14.36 4.75
CA PHE A 76 -6.11 13.24 3.84
C PHE A 76 -7.47 13.40 3.17
N ASP A 77 -7.50 13.21 1.86
CA ASP A 77 -8.73 13.30 1.08
C ASP A 77 -9.03 11.93 0.49
N ARG A 78 -10.12 11.32 0.94
CA ARG A 78 -10.53 9.98 0.50
C ARG A 78 -10.87 9.86 -0.97
N LYS A 79 -11.15 10.98 -1.63
CA LYS A 79 -11.50 10.95 -3.03
C LYS A 79 -10.31 11.20 -3.97
N THR A 80 -9.49 12.18 -3.65
CA THR A 80 -8.33 12.51 -4.48
C THR A 80 -7.06 11.79 -4.04
N LEU A 81 -7.09 11.26 -2.83
CA LEU A 81 -5.95 10.54 -2.26
C LEU A 81 -4.76 11.44 -1.94
N ASN A 82 -5.01 12.75 -1.90
CA ASN A 82 -3.95 13.69 -1.57
C ASN A 82 -3.63 13.50 -0.08
N ASN A 83 -2.34 13.51 0.26
CA ASN A 83 -1.89 13.32 1.64
C ASN A 83 -2.22 11.92 2.15
N ASP A 84 -2.00 10.91 1.30
CA ASP A 84 -2.27 9.54 1.66
C ASP A 84 -1.12 8.98 2.50
N ILE A 85 -1.08 9.38 3.77
CA ILE A 85 -0.03 8.93 4.68
C ILE A 85 -0.61 8.76 6.07
N MET A 86 -0.11 7.77 6.80
CA MET A 86 -0.62 7.47 8.12
C MET A 86 0.50 6.92 9.01
N LEU A 87 0.45 7.26 10.30
CA LEU A 87 1.44 6.79 11.25
C LEU A 87 0.78 5.83 12.23
N ILE A 88 1.49 4.76 12.57
CA ILE A 88 0.97 3.78 13.52
C ILE A 88 1.97 3.61 14.65
N LYS A 89 1.53 3.85 15.88
CA LYS A 89 2.40 3.68 17.03
C LYS A 89 2.14 2.28 17.57
N LEU A 90 3.20 1.50 17.76
CA LEU A 90 3.06 0.14 18.24
C LEU A 90 2.80 0.10 19.76
N SER A 91 2.09 -0.93 20.22
CA SER A 91 1.77 -1.07 21.64
C SER A 91 3.04 -1.16 22.48
N SER A 92 4.08 -1.75 21.91
CA SER A 92 5.35 -1.87 22.62
C SER A 92 6.50 -1.81 21.61
N PRO A 93 7.68 -1.36 22.05
CA PRO A 93 8.82 -1.27 21.13
C PRO A 93 9.18 -2.67 20.61
N VAL A 94 9.60 -2.74 19.35
CA VAL A 94 9.98 -4.02 18.78
C VAL A 94 11.46 -4.25 19.00
N LYS A 95 11.89 -5.50 18.83
CA LYS A 95 13.29 -5.84 18.99
C LYS A 95 13.98 -5.71 17.64
N LEU A 96 14.94 -4.81 17.56
CA LEU A 96 15.67 -4.60 16.32
C LEU A 96 16.81 -5.59 16.16
N ASN A 97 16.83 -6.27 15.02
CA ASN A 97 17.87 -7.25 14.72
C ASN A 97 18.15 -7.26 13.22
N ALA A 98 18.76 -8.32 12.73
CA ALA A 98 19.08 -8.42 11.30
C ALA A 98 17.83 -8.59 10.43
N ARG A 99 16.77 -9.13 10.99
CA ARG A 99 15.52 -9.36 10.26
C ARG A 99 14.53 -8.21 10.42
N VAL A 100 14.68 -7.42 11.47
CA VAL A 100 13.80 -6.29 11.73
C VAL A 100 14.62 -5.03 11.93
N ALA A 101 14.54 -4.10 10.97
CA ALA A 101 15.30 -2.87 11.04
C ALA A 101 14.50 -1.68 10.52
N THR A 102 14.97 -0.47 10.84
CA THR A 102 14.30 0.74 10.41
C THR A 102 14.86 1.26 9.10
N VAL A 103 14.09 2.10 8.43
CA VAL A 103 14.52 2.72 7.19
C VAL A 103 14.55 4.21 7.49
N ALA A 104 15.54 4.90 6.94
CA ALA A 104 15.69 6.34 7.18
C ALA A 104 14.69 7.19 6.41
N LEU A 105 14.29 8.31 7.00
CA LEU A 105 13.38 9.24 6.35
C LEU A 105 14.25 10.03 5.38
N PRO A 106 13.65 10.57 4.31
CA PRO A 106 14.43 11.33 3.31
C PRO A 106 15.12 12.60 3.82
N SER A 107 16.33 12.82 3.31
CA SER A 107 17.12 14.00 3.67
C SER A 107 16.67 15.15 2.79
N SER A 108 16.08 14.79 1.66
CA SER A 108 15.56 15.76 0.68
C SER A 108 14.74 14.96 -0.33
N CYS A 109 14.10 15.66 -1.26
CA CYS A 109 13.30 14.98 -2.28
C CYS A 109 14.23 14.46 -3.38
N ALA A 110 14.13 13.17 -3.66
CA ALA A 110 14.97 12.57 -4.70
C ALA A 110 14.51 13.03 -6.08
N PRO A 111 15.47 13.26 -6.99
CA PRO A 111 15.14 13.72 -8.34
C PRO A 111 14.65 12.61 -9.26
N ALA A 112 13.94 12.99 -10.33
CA ALA A 112 13.44 12.03 -11.29
C ALA A 112 14.64 11.27 -11.85
N GLY A 113 14.45 9.98 -12.10
CA GLY A 113 15.53 9.16 -12.63
C GLY A 113 16.21 8.34 -11.56
N THR A 114 15.97 8.67 -10.30
CA THR A 114 16.57 7.93 -9.19
C THR A 114 15.99 6.52 -9.15
N GLN A 115 16.87 5.52 -9.10
CA GLN A 115 16.45 4.11 -9.04
C GLN A 115 16.01 3.75 -7.63
N CYS A 116 14.86 3.09 -7.51
CA CYS A 116 14.36 2.72 -6.19
C CYS A 116 13.93 1.26 -6.10
N LEU A 117 13.61 0.83 -4.88
CA LEU A 117 13.17 -0.53 -4.62
C LEU A 117 11.78 -0.49 -4.02
N ILE A 118 10.85 -1.20 -4.64
CA ILE A 118 9.48 -1.27 -4.14
C ILE A 118 9.25 -2.71 -3.70
N SER A 119 8.50 -2.92 -2.63
CA SER A 119 8.27 -4.28 -2.17
C SER A 119 6.88 -4.48 -1.58
N GLY A 120 6.42 -5.72 -1.57
CA GLY A 120 5.11 -6.01 -1.01
C GLY A 120 4.61 -7.40 -1.32
N TRP A 121 3.49 -7.76 -0.70
CA TRP A 121 2.85 -9.06 -0.87
C TRP A 121 1.58 -8.94 -1.70
N GLY A 122 1.49 -7.88 -2.50
CA GLY A 122 0.31 -7.66 -3.31
C GLY A 122 0.19 -8.57 -4.52
N ASN A 123 -0.92 -8.43 -5.24
CA ASN A 123 -1.21 -9.21 -6.43
C ASN A 123 -0.03 -9.12 -7.41
N THR A 124 0.26 -10.23 -8.10
CA THR A 124 1.36 -10.27 -9.04
C THR A 124 0.95 -10.29 -10.51
N LEU A 125 -0.36 -10.22 -10.76
CA LEU A 125 -0.87 -10.25 -12.12
C LEU A 125 -1.64 -8.98 -12.47
N SER A 126 -1.53 -8.57 -13.74
CA SER A 126 -2.22 -7.38 -14.23
C SER A 126 -3.67 -7.76 -14.50
N SER A 127 -3.89 -9.02 -14.86
CA SER A 127 -5.22 -9.55 -15.14
C SER A 127 -5.37 -10.82 -14.33
N GLY A 128 -6.34 -10.82 -13.41
CA GLY A 128 -6.54 -12.00 -12.58
C GLY A 128 -5.96 -11.75 -11.20
N VAL A 129 -5.98 -12.77 -10.35
CA VAL A 129 -5.45 -12.63 -9.00
C VAL A 129 -4.50 -13.75 -8.60
N ASN A 130 -3.31 -13.37 -8.15
CA ASN A 130 -2.30 -14.31 -7.71
C ASN A 130 -1.56 -13.70 -6.54
N GLU A 131 -1.94 -14.10 -5.33
CA GLU A 131 -1.32 -13.58 -4.12
C GLU A 131 -0.14 -14.45 -3.69
N PRO A 132 1.08 -13.87 -3.68
CA PRO A 132 2.31 -14.55 -3.32
C PRO A 132 2.50 -14.80 -1.82
N ASP A 133 3.17 -15.89 -1.49
CA ASP A 133 3.46 -16.20 -0.10
C ASP A 133 4.68 -15.38 0.30
N LEU A 134 5.65 -15.32 -0.61
CA LEU A 134 6.92 -14.62 -0.37
C LEU A 134 6.94 -13.17 -0.83
N LEU A 135 7.63 -12.33 -0.06
CA LEU A 135 7.75 -10.91 -0.36
C LEU A 135 8.35 -10.69 -1.76
N GLN A 136 7.73 -9.80 -2.52
CA GLN A 136 8.18 -9.48 -3.88
C GLN A 136 8.89 -8.15 -3.94
N CYS A 137 9.89 -8.07 -4.82
CA CYS A 137 10.70 -6.86 -5.00
C CYS A 137 10.64 -6.33 -6.43
N LEU A 138 10.86 -5.02 -6.57
CA LEU A 138 10.83 -4.40 -7.90
C LEU A 138 11.74 -3.18 -7.93
N ASP A 139 12.66 -3.16 -8.90
CA ASP A 139 13.56 -2.03 -9.05
C ASP A 139 12.92 -1.13 -10.10
N ALA A 140 12.65 0.12 -9.74
CA ALA A 140 12.00 1.05 -10.66
C ALA A 140 12.43 2.48 -10.36
N PRO A 141 12.42 3.34 -11.38
CA PRO A 141 12.83 4.74 -11.19
C PRO A 141 11.70 5.72 -10.94
N LEU A 142 12.05 6.83 -10.29
CA LEU A 142 11.10 7.91 -10.03
C LEU A 142 10.93 8.56 -11.40
N LEU A 143 9.69 8.79 -11.82
CA LEU A 143 9.44 9.40 -13.11
C LEU A 143 9.33 10.92 -13.03
N PRO A 144 9.59 11.61 -14.16
CA PRO A 144 9.51 13.07 -14.19
C PRO A 144 8.05 13.45 -13.89
N GLN A 145 7.86 14.52 -13.12
CA GLN A 145 6.50 14.95 -12.77
C GLN A 145 5.64 15.20 -13.99
N ALA A 146 6.27 15.68 -15.07
CA ALA A 146 5.54 15.97 -16.31
C ALA A 146 4.90 14.72 -16.91
N ASP A 147 5.62 13.60 -16.86
CA ASP A 147 5.08 12.36 -17.41
C ASP A 147 3.97 11.81 -16.53
N CYS A 148 4.10 12.04 -15.22
CA CYS A 148 3.12 11.59 -14.25
C CYS A 148 1.81 12.32 -14.53
N GLU A 149 1.90 13.64 -14.67
CA GLU A 149 0.74 14.47 -14.93
C GLU A 149 0.09 14.13 -16.27
N ALA A 150 0.92 13.79 -17.26
CA ALA A 150 0.42 13.44 -18.59
C ALA A 150 -0.32 12.11 -18.54
N SER A 151 0.09 11.23 -17.63
CA SER A 151 -0.55 9.92 -17.51
C SER A 151 -1.86 10.01 -16.74
N TYR A 152 -1.94 10.95 -15.81
CA TYR A 152 -3.14 11.14 -15.00
C TYR A 152 -3.55 12.61 -15.00
N PRO A 153 -4.04 13.11 -16.14
CA PRO A 153 -4.48 14.49 -16.30
C PRO A 153 -5.33 15.06 -15.15
N GLY A 154 -4.83 16.12 -14.52
CA GLY A 154 -5.54 16.77 -13.43
C GLY A 154 -5.76 15.97 -12.16
N LYS A 155 -5.05 14.85 -12.00
CA LYS A 155 -5.21 14.02 -10.82
C LYS A 155 -3.98 13.98 -9.92
N ILE A 156 -2.87 14.54 -10.41
CA ILE A 156 -1.62 14.53 -9.65
C ILE A 156 -1.34 15.82 -8.89
N THR A 157 -1.08 15.71 -7.59
CA THR A 157 -0.80 16.88 -6.77
C THR A 157 0.71 16.90 -6.46
N ASP A 158 1.17 17.98 -5.84
CA ASP A 158 2.58 18.11 -5.49
C ASP A 158 3.00 17.10 -4.41
N ASN A 159 2.02 16.41 -3.82
CA ASN A 159 2.32 15.43 -2.79
C ASN A 159 2.35 14.01 -3.33
N MET A 160 2.40 13.90 -4.66
CA MET A 160 2.43 12.60 -5.32
C MET A 160 3.58 12.52 -6.31
N VAL A 161 4.05 11.31 -6.54
CA VAL A 161 5.12 11.07 -7.49
C VAL A 161 4.86 9.73 -8.17
N CYS A 162 5.16 9.63 -9.46
CA CYS A 162 4.97 8.38 -10.17
C CYS A 162 6.28 7.64 -10.15
N VAL A 163 6.19 6.33 -9.99
CA VAL A 163 7.38 5.47 -9.98
C VAL A 163 7.02 4.27 -10.83
N GLY A 164 7.93 3.89 -11.74
CA GLY A 164 7.64 2.76 -12.59
C GLY A 164 8.05 2.93 -14.03
N PHE A 165 7.26 2.36 -14.93
CA PHE A 165 7.54 2.41 -16.36
C PHE A 165 6.32 2.78 -17.19
N LEU A 166 6.49 3.74 -18.10
CA LEU A 166 5.39 4.18 -18.95
C LEU A 166 4.94 3.08 -19.91
N GLU A 167 5.79 2.07 -20.13
CA GLU A 167 5.45 0.98 -21.03
C GLU A 167 4.65 -0.09 -20.29
N GLY A 168 4.53 0.05 -18.97
CA GLY A 168 3.80 -0.92 -18.19
C GLY A 168 4.59 -2.20 -17.97
N GLY A 169 3.93 -3.25 -17.50
CA GLY A 169 4.61 -4.53 -17.30
C GLY A 169 5.12 -4.77 -15.88
N LYS A 170 5.53 -3.69 -15.21
CA LYS A 170 6.04 -3.78 -13.85
C LYS A 170 5.38 -2.68 -13.04
N ASP A 171 4.83 -3.02 -11.87
CA ASP A 171 4.11 -2.03 -11.08
C ASP A 171 3.70 -2.63 -9.74
N SER A 172 3.24 -1.79 -8.81
CA SER A 172 2.75 -2.27 -7.52
C SER A 172 1.27 -2.55 -7.80
N CYS A 173 0.61 -3.33 -6.94
CA CYS A 173 -0.80 -3.65 -7.18
C CYS A 173 -1.55 -3.82 -5.85
N GLN A 174 -2.82 -4.23 -5.92
CA GLN A 174 -3.63 -4.42 -4.72
C GLN A 174 -2.97 -5.34 -3.72
N GLY A 175 -2.80 -4.84 -2.49
CA GLY A 175 -2.15 -5.61 -1.44
C GLY A 175 -0.80 -4.98 -1.12
N ASP A 176 -0.34 -4.09 -2.00
CA ASP A 176 0.94 -3.42 -1.80
C ASP A 176 0.83 -2.05 -1.14
N ALA A 177 -0.38 -1.47 -1.12
CA ALA A 177 -0.56 -0.14 -0.55
C ALA A 177 0.05 0.01 0.84
N GLY A 178 0.61 1.19 1.09
CA GLY A 178 1.24 1.47 2.38
C GLY A 178 2.70 1.08 2.40
N GLY A 179 3.06 0.24 1.43
CA GLY A 179 4.43 -0.26 1.31
C GLY A 179 5.47 0.78 0.97
N PRO A 180 6.76 0.44 1.15
CA PRO A 180 7.87 1.34 0.88
C PRO A 180 8.43 1.43 -0.53
N VAL A 181 8.94 2.61 -0.84
CA VAL A 181 9.64 2.88 -2.09
C VAL A 181 10.91 3.47 -1.50
N VAL A 182 12.00 2.72 -1.57
CA VAL A 182 13.26 3.18 -0.99
C VAL A 182 14.30 3.45 -2.06
N CYS A 183 14.90 4.63 -1.99
CA CYS A 183 15.90 5.04 -2.96
C CYS A 183 17.15 5.49 -2.20
N ASN A 184 18.28 4.85 -2.49
CA ASN A 184 19.54 5.17 -1.83
C ASN A 184 19.42 5.15 -0.31
N GLY A 185 18.71 4.14 0.21
CA GLY A 185 18.57 4.00 1.64
C GLY A 185 17.57 4.89 2.34
N GLU A 186 16.78 5.66 1.60
CA GLU A 186 15.80 6.55 2.22
C GLU A 186 14.39 6.27 1.71
N LEU A 187 13.41 6.40 2.59
CA LEU A 187 12.01 6.17 2.22
C LEU A 187 11.51 7.38 1.44
N GLN A 188 11.38 7.26 0.13
CA GLN A 188 10.91 8.38 -0.70
C GLN A 188 9.44 8.28 -1.09
N GLY A 189 8.86 7.09 -1.03
CA GLY A 189 7.47 6.97 -1.40
C GLY A 189 6.69 5.91 -0.64
N ILE A 190 5.36 6.02 -0.70
CA ILE A 190 4.45 5.07 -0.06
C ILE A 190 3.51 4.61 -1.17
N VAL A 191 3.36 3.31 -1.36
CA VAL A 191 2.46 2.80 -2.40
C VAL A 191 1.06 3.33 -2.11
N SER A 192 0.47 4.01 -3.09
CA SER A 192 -0.85 4.59 -2.91
C SER A 192 -1.92 4.13 -3.90
N TRP A 193 -1.86 4.63 -5.13
CA TRP A 193 -2.87 4.27 -6.11
C TRP A 193 -2.39 4.21 -7.55
N GLY A 194 -3.33 3.90 -8.45
CA GLY A 194 -3.03 3.81 -9.86
C GLY A 194 -4.23 3.24 -10.57
N TYR A 195 -4.30 3.41 -11.90
CA TYR A 195 -5.42 2.85 -12.65
C TYR A 195 -4.97 1.47 -13.13
N GLY A 196 -5.53 0.44 -12.50
CA GLY A 196 -5.16 -0.91 -12.85
C GLY A 196 -3.75 -1.16 -12.33
N CYS A 197 -3.10 -2.20 -12.85
CA CYS A 197 -1.74 -2.53 -12.44
C CYS A 197 -0.86 -2.88 -13.64
N ALA A 198 0.28 -2.21 -13.76
CA ALA A 198 1.22 -2.47 -14.83
C ALA A 198 0.69 -2.20 -16.24
N LEU A 199 -0.30 -1.33 -16.36
CA LEU A 199 -0.87 -0.98 -17.65
C LEU A 199 -0.05 0.14 -18.30
N PRO A 200 0.10 0.08 -19.63
CA PRO A 200 0.87 1.13 -20.31
C PRO A 200 0.25 2.50 -20.08
N ASP A 201 1.10 3.51 -19.93
CA ASP A 201 0.68 4.90 -19.71
C ASP A 201 -0.02 5.15 -18.38
N ASN A 202 0.03 4.17 -17.47
CA ASN A 202 -0.59 4.32 -16.15
C ASN A 202 0.31 3.75 -15.06
N PRO A 203 1.47 4.39 -14.83
CA PRO A 203 2.40 3.92 -13.79
C PRO A 203 1.80 4.15 -12.41
N GLY A 204 2.34 3.46 -11.40
CA GLY A 204 1.81 3.64 -10.07
C GLY A 204 2.08 5.03 -9.52
N VAL A 205 1.17 5.52 -8.68
CA VAL A 205 1.33 6.83 -8.06
C VAL A 205 1.63 6.58 -6.58
N TYR A 206 2.56 7.34 -6.04
CA TYR A 206 2.99 7.16 -4.66
C TYR A 206 2.99 8.45 -3.85
N THR A 207 2.79 8.34 -2.55
CA THR A 207 2.81 9.51 -1.69
C THR A 207 4.28 9.96 -1.60
N LYS A 208 4.51 11.25 -1.83
CA LYS A 208 5.87 11.82 -1.80
C LYS A 208 6.26 12.12 -0.35
N VAL A 209 6.93 11.15 0.28
CA VAL A 209 7.33 11.25 1.67
C VAL A 209 8.17 12.46 2.09
N CYS A 210 9.00 12.98 1.19
CA CYS A 210 9.86 14.11 1.52
C CYS A 210 9.07 15.37 1.93
N ASN A 211 7.80 15.44 1.56
CA ASN A 211 6.97 16.60 1.92
C ASN A 211 6.39 16.48 3.32
N TYR A 212 6.60 15.32 3.96
CA TYR A 212 6.03 15.08 5.29
C TYR A 212 6.99 14.82 6.44
N VAL A 213 8.30 14.97 6.21
CA VAL A 213 9.25 14.69 7.27
C VAL A 213 8.98 15.46 8.56
N ASP A 214 8.69 16.75 8.45
CA ASP A 214 8.42 17.54 9.64
C ASP A 214 7.13 17.10 10.33
N TRP A 215 6.10 16.81 9.54
CA TRP A 215 4.84 16.35 10.13
C TRP A 215 5.06 15.04 10.88
N ILE A 216 5.84 14.14 10.28
CA ILE A 216 6.13 12.86 10.90
C ILE A 216 6.87 13.04 12.22
N GLN A 217 7.99 13.77 12.19
CA GLN A 217 8.79 14.01 13.38
C GLN A 217 8.02 14.71 14.50
N ASP A 218 7.23 15.73 14.14
CA ASP A 218 6.46 16.45 15.14
C ASP A 218 5.38 15.57 15.77
N THR A 219 4.74 14.74 14.94
CA THR A 219 3.69 13.85 15.43
C THR A 219 4.25 12.80 16.39
N ILE A 220 5.39 12.22 16.02
CA ILE A 220 6.02 11.21 16.86
C ILE A 220 6.42 11.79 18.20
N ALA A 221 6.95 13.01 18.20
CA ALA A 221 7.40 13.66 19.42
C ALA A 221 6.23 14.02 20.34
N ALA A 222 5.06 14.26 19.77
CA ALA A 222 3.90 14.65 20.55
C ALA A 222 3.02 13.49 21.00
N ASN A 223 3.38 12.28 20.61
CA ASN A 223 2.57 11.12 20.98
C ASN A 223 3.40 9.98 21.54
N ARG B 1 -34.76 -5.34 -9.75
CA ARG B 1 -33.82 -4.90 -8.67
C ARG B 1 -33.07 -3.64 -9.11
N PRO B 2 -32.40 -2.95 -8.16
CA PRO B 2 -31.66 -1.73 -8.46
C PRO B 2 -30.60 -1.94 -9.56
N ASP B 3 -30.26 -0.86 -10.25
CA ASP B 3 -29.28 -0.93 -11.33
C ASP B 3 -27.87 -1.27 -10.86
N PHE B 4 -27.45 -0.68 -9.74
CA PHE B 4 -26.11 -0.92 -9.22
C PHE B 4 -25.87 -2.38 -8.86
N LEU B 6 -26.56 -4.80 -10.80
CA LEU B 6 -26.21 -5.49 -12.02
C LEU B 6 -24.81 -5.14 -12.51
N GLU B 7 -24.17 -4.18 -11.85
CA GLU B 7 -22.82 -3.76 -12.22
C GLU B 7 -21.76 -4.68 -11.62
N PRO B 8 -20.67 -4.92 -12.38
CA PRO B 8 -19.59 -5.78 -11.89
C PRO B 8 -18.83 -5.12 -10.75
N PRO B 9 -18.18 -5.92 -9.88
CA PRO B 9 -17.43 -5.37 -8.76
C PRO B 9 -16.38 -4.35 -9.21
N TYR B 10 -16.21 -3.30 -8.43
CA TYR B 10 -15.26 -2.24 -8.74
C TYR B 10 -14.12 -2.20 -7.73
N THR B 11 -12.95 -2.65 -8.14
CA THR B 11 -11.78 -2.67 -7.26
C THR B 11 -11.33 -1.25 -6.93
N GLY B 12 -11.37 -0.36 -7.91
CA GLY B 12 -10.96 1.01 -7.66
C GLY B 12 -9.47 1.23 -7.84
N PRO B 13 -9.02 2.49 -7.79
CA PRO B 13 -7.60 2.85 -7.95
C PRO B 13 -6.68 2.59 -6.77
N CYS B 14 -7.22 2.49 -5.56
CA CYS B 14 -6.36 2.26 -4.39
C CYS B 14 -5.78 0.86 -4.37
N LYS B 15 -4.64 0.71 -3.72
CA LYS B 15 -3.96 -0.59 -3.70
C LYS B 15 -3.95 -1.41 -2.41
N ALA B 16 -4.99 -1.30 -1.61
CA ALA B 16 -5.09 -2.11 -0.40
C ALA B 16 -5.72 -3.41 -0.89
N ARG B 17 -5.82 -4.40 -0.01
CA ARG B 17 -6.42 -5.68 -0.37
C ARG B 17 -7.51 -5.93 0.66
N ILE B 18 -8.72 -5.46 0.34
CA ILE B 18 -9.85 -5.59 1.24
C ILE B 18 -10.96 -6.45 0.64
N ILE B 19 -11.28 -7.55 1.32
CA ILE B 19 -12.31 -8.46 0.85
C ILE B 19 -13.70 -7.88 1.11
N ARG B 20 -14.47 -7.73 0.04
CA ARG B 20 -15.83 -7.20 0.12
C ARG B 20 -16.79 -8.09 -0.64
N TYR B 21 -18.08 -7.95 -0.34
CA TYR B 21 -19.11 -8.75 -1.00
C TYR B 21 -19.83 -7.94 -2.08
N PHE B 22 -20.28 -8.63 -3.13
CA PHE B 22 -21.00 -7.99 -4.21
C PHE B 22 -22.07 -8.95 -4.73
N TYR B 23 -23.07 -8.42 -5.41
CA TYR B 23 -24.14 -9.27 -5.94
C TYR B 23 -23.83 -9.67 -7.37
N ASN B 24 -23.67 -10.96 -7.60
CA ASN B 24 -23.38 -11.48 -8.93
C ASN B 24 -24.71 -11.74 -9.62
N ALA B 25 -25.24 -10.70 -10.26
CA ALA B 25 -26.53 -10.78 -10.95
C ALA B 25 -26.76 -12.04 -11.78
N PRO B 26 -25.88 -12.32 -12.76
CA PRO B 26 -26.07 -13.52 -13.58
C PRO B 26 -26.21 -14.81 -12.77
N ASP B 27 -25.19 -15.14 -11.99
CA ASP B 27 -25.22 -16.35 -11.18
C ASP B 27 -26.29 -16.20 -10.09
N GLY B 28 -26.77 -14.97 -9.92
CA GLY B 28 -27.79 -14.71 -8.92
C GLY B 28 -27.35 -15.08 -7.52
N LEU B 29 -26.16 -14.64 -7.13
CA LEU B 29 -25.64 -14.94 -5.80
C LEU B 29 -24.64 -13.90 -5.32
N GLN B 31 -21.07 -12.90 -3.78
CA GLN B 31 -19.71 -13.42 -3.73
C GLN B 31 -18.73 -12.35 -3.25
N THR B 32 -17.45 -12.70 -3.19
CA THR B 32 -16.43 -11.77 -2.73
C THR B 32 -15.48 -11.34 -3.83
N PHE B 33 -14.88 -10.16 -3.65
CA PHE B 33 -13.92 -9.61 -4.61
C PHE B 33 -12.94 -8.75 -3.84
N VAL B 34 -11.85 -8.36 -4.49
CA VAL B 34 -10.85 -7.53 -3.84
C VAL B 34 -11.12 -6.05 -4.08
N TYR B 35 -11.39 -5.33 -3.00
CA TYR B 35 -11.64 -3.89 -3.05
C TYR B 35 -10.33 -3.17 -2.72
N GLY B 36 -10.01 -2.14 -3.49
CA GLY B 36 -8.77 -1.40 -3.30
C GLY B 36 -8.67 -0.50 -2.08
N GLY B 37 -9.81 -0.12 -1.51
CA GLY B 37 -9.77 0.73 -0.33
C GLY B 37 -10.33 2.13 -0.50
N CYS B 38 -10.66 2.52 -1.73
CA CYS B 38 -11.21 3.85 -1.96
C CYS B 38 -12.12 3.95 -3.18
N ARG B 39 -12.97 4.97 -3.17
CA ARG B 39 -13.90 5.23 -4.26
C ARG B 39 -14.79 4.04 -4.61
N ALA B 40 -15.34 3.41 -3.58
CA ALA B 40 -16.21 2.25 -3.76
C ALA B 40 -17.52 2.61 -4.45
N LYS B 41 -18.08 1.64 -5.16
CA LYS B 41 -19.35 1.83 -5.83
C LYS B 41 -20.41 1.19 -4.94
N ARG B 42 -21.67 1.34 -5.29
CA ARG B 42 -22.74 0.80 -4.47
C ARG B 42 -22.79 -0.72 -4.35
N ASN B 43 -22.36 -1.44 -5.37
CA ASN B 43 -22.36 -2.90 -5.30
C ASN B 43 -21.10 -3.34 -4.56
N ASN B 44 -21.02 -2.92 -3.30
CA ASN B 44 -19.86 -3.22 -2.45
C ASN B 44 -20.38 -3.30 -1.01
N PHE B 45 -20.36 -4.49 -0.42
CA PHE B 45 -20.85 -4.66 0.95
C PHE B 45 -19.84 -5.30 1.90
N LYS B 46 -19.93 -4.92 3.18
CA LYS B 46 -19.04 -5.45 4.21
C LYS B 46 -19.49 -6.81 4.73
N SER B 47 -20.66 -7.26 4.31
CA SER B 47 -21.18 -8.56 4.74
C SER B 47 -22.11 -9.16 3.70
N ALA B 48 -22.18 -10.50 3.68
CA ALA B 48 -23.03 -11.21 2.74
C ALA B 48 -24.50 -10.89 2.96
N GLU B 49 -24.96 -11.07 4.20
CA GLU B 49 -26.35 -10.81 4.54
C GLU B 49 -26.78 -9.40 4.19
N ASP B 50 -25.85 -8.45 4.27
CA ASP B 50 -26.15 -7.06 3.94
C ASP B 50 -26.32 -6.92 2.44
N MET B 52 -27.37 -9.44 0.36
CA MET B 52 -28.61 -10.11 0.01
C MET B 52 -29.85 -9.29 0.39
N ARG B 53 -29.76 -8.58 1.51
CA ARG B 53 -30.87 -7.76 1.97
C ARG B 53 -31.11 -6.58 1.02
N THR B 54 -30.04 -6.11 0.41
CA THR B 54 -30.12 -4.98 -0.51
C THR B 54 -30.32 -5.39 -1.98
N GLY B 56 -31.05 -8.77 -2.86
CA GLY B 56 -31.79 -10.01 -2.93
C GLY B 56 -33.07 -9.94 -3.75
#